data_7OKZ
#
_entry.id   7OKZ
#
_cell.length_a   120.520
_cell.length_b   120.520
_cell.length_c   44.740
_cell.angle_alpha   90.000
_cell.angle_beta   90.000
_cell.angle_gamma   90.000
#
_symmetry.space_group_name_H-M   'P 41'
#
loop_
_entity.id
_entity.type
_entity.pdbx_description
1 polymer '1H-3-hydroxy-4-oxoquinaldine 2,4-dioxygenase'
2 non-polymer 2-methyl-quinolin-4(1H)-one
3 non-polymer 'POTASSIUM ION'
4 non-polymer 'D(-)-TARTARIC ACID'
5 non-polymer GLYCEROL
6 water water
#
_entity_poly.entity_id   1
_entity_poly.type   'polypeptide(L)'
_entity_poly.pdbx_seq_one_letter_code
;MRGSHHHHHHGSMTDTYLHETLVFDNKLSYIDNQRDTDGPAILLLPGWCHDHRVYKYLIQELDADFRVIVPNWRGHGLSP
SEVPDFGYQEQVKDALEILDQLGVETFLPVSHSHGGWVLVELLEQAGPERAPRGIIMDWLMWAPKPDFAKSLTLLKDPER
WREGTHGLFDVWLDGHDEKRVRHHLLEEMADYGYDCWGRSGRVIEDAYGRNGSPMQMMANLTKTRPIRHIFSQPTEPEYE
KINSDFAEQHPWFSYAKLGGPTAFPAIDVPDRAAVHIREFATAIRQGQ
;
_entity_poly.pdbx_strand_id   AAA,BBB
#
loop_
_chem_comp.id
_chem_comp.type
_chem_comp.name
_chem_comp.formula
GOL non-polymer GLYCEROL 'C3 H8 O3'
K non-polymer 'POTASSIUM ION' 'K 1'
TAR non-polymer 'D(-)-TARTARIC ACID' 'C4 H6 O6'
VFH non-polymer 2-methyl-quinolin-4(1H)-one 'C10 H9 N O'
#
# COMPACT_ATOMS: atom_id res chain seq x y z
N THR A 14 12.40 -9.60 28.32
CA THR A 14 11.96 -9.15 26.96
C THR A 14 10.82 -8.11 27.11
N ASP A 15 9.92 -8.29 28.08
CA ASP A 15 8.86 -7.31 28.42
C ASP A 15 9.46 -5.97 28.86
N THR A 16 10.74 -5.95 29.28
CA THR A 16 11.53 -4.71 29.50
C THR A 16 11.52 -3.86 28.21
N TYR A 17 11.48 -4.49 27.03
CA TYR A 17 11.65 -3.81 25.71
C TYR A 17 10.29 -3.59 25.02
N LEU A 18 9.18 -3.97 25.64
CA LEU A 18 7.84 -3.90 25.02
C LEU A 18 7.31 -2.46 25.14
N HIS A 19 6.80 -1.93 24.03
CA HIS A 19 6.23 -0.56 23.88
C HIS A 19 4.87 -0.67 23.18
N GLU A 20 4.12 0.42 23.21
CA GLU A 20 2.85 0.59 22.45
C GLU A 20 2.88 1.98 21.82
N THR A 21 2.38 2.09 20.59
CA THR A 21 2.27 3.38 19.85
C THR A 21 1.05 3.32 18.93
N LEU A 22 0.48 4.47 18.61
CA LEU A 22 -0.66 4.53 17.67
C LEU A 22 -0.11 4.54 16.25
N VAL A 23 -0.45 3.52 15.47
CA VAL A 23 -0.03 3.42 14.04
C VAL A 23 -1.29 3.64 13.21
N PHE A 24 -1.37 4.76 12.48
CA PHE A 24 -2.58 5.15 11.72
C PHE A 24 -3.77 5.15 12.70
N ASP A 25 -4.68 4.17 12.63
CA ASP A 25 -5.89 4.15 13.49
C ASP A 25 -5.80 3.03 14.52
N ASN A 26 -4.64 2.41 14.70
CA ASN A 26 -4.54 1.21 15.58
C ASN A 26 -3.40 1.35 16.58
N LYS A 27 -3.63 0.96 17.84
CA LYS A 27 -2.57 0.83 18.85
C LYS A 27 -1.87 -0.52 18.65
N LEU A 28 -0.61 -0.49 18.24
CA LEU A 28 0.21 -1.71 18.00
C LEU A 28 1.33 -1.76 19.04
N SER A 29 1.52 -2.93 19.65
CA SER A 29 2.72 -3.24 20.47
C SER A 29 3.89 -3.57 19.53
N TYR A 30 5.10 -3.45 20.05
CA TYR A 30 6.36 -3.68 19.31
C TYR A 30 7.49 -3.76 20.33
N ILE A 31 8.43 -4.68 20.10
CA ILE A 31 9.73 -4.74 20.83
C ILE A 31 10.66 -3.71 20.17
N ASP A 32 11.40 -2.97 20.98
CA ASP A 32 12.54 -2.10 20.58
C ASP A 32 13.50 -2.04 21.76
N ASN A 33 14.71 -2.61 21.63
CA ASN A 33 15.73 -2.63 22.71
C ASN A 33 16.46 -1.28 22.72
N GLN A 34 16.05 -0.35 21.85
CA GLN A 34 16.57 1.03 21.72
C GLN A 34 18.09 1.02 21.89
N ARG A 35 18.77 0.00 21.37
CA ARG A 35 20.25 -0.10 21.40
C ARG A 35 20.82 1.01 20.52
N ASP A 36 21.74 1.82 21.05
CA ASP A 36 22.46 2.87 20.30
C ASP A 36 23.75 2.24 19.76
N THR A 37 23.80 1.93 18.47
CA THR A 37 24.94 1.23 17.81
C THR A 37 24.89 1.43 16.30
N ASP A 38 25.95 1.00 15.60
CA ASP A 38 26.03 0.93 14.11
C ASP A 38 24.89 0.05 13.61
N GLY A 39 24.29 0.43 12.47
CA GLY A 39 23.22 -0.31 11.78
C GLY A 39 23.76 -1.50 11.01
N PRO A 40 22.89 -2.31 10.37
CA PRO A 40 21.46 -2.03 10.33
C PRO A 40 20.71 -2.48 11.59
N ALA A 41 19.54 -1.89 11.84
CA ALA A 41 18.52 -2.42 12.78
C ALA A 41 18.11 -3.82 12.30
N ILE A 42 17.70 -4.70 13.22
CA ILE A 42 17.19 -6.03 12.87
C ILE A 42 15.68 -6.05 13.14
N LEU A 43 14.90 -6.09 12.06
CA LEU A 43 13.42 -6.11 12.10
C LEU A 43 12.97 -7.58 12.04
N LEU A 44 12.56 -8.13 13.19
CA LEU A 44 12.00 -9.51 13.30
C LEU A 44 10.49 -9.41 13.09
N LEU A 45 9.98 -10.10 12.06
CA LEU A 45 8.56 -10.03 11.62
C LEU A 45 7.86 -11.33 12.01
N PRO A 46 6.91 -11.28 12.97
CA PRO A 46 6.12 -12.46 13.29
C PRO A 46 5.26 -12.90 12.10
N GLY A 47 4.91 -14.18 12.08
CA GLY A 47 3.87 -14.75 11.22
C GLY A 47 2.50 -14.42 11.76
N TRP A 48 1.48 -15.16 11.32
CA TRP A 48 0.06 -14.93 11.69
C TRP A 48 -0.26 -15.58 13.04
N CYS A 49 -0.99 -14.85 13.89
CA CYS A 49 -1.62 -15.34 15.14
C CYS A 49 -0.55 -15.76 16.16
N HIS A 50 0.57 -15.06 16.13
CA HIS A 50 1.56 -15.05 17.24
C HIS A 50 2.20 -13.66 17.27
N ASP A 51 3.02 -13.41 18.29
CA ASP A 51 3.59 -12.06 18.56
C ASP A 51 5.08 -12.22 18.86
N HIS A 52 5.70 -11.13 19.31
CA HIS A 52 7.14 -10.98 19.65
C HIS A 52 7.64 -12.12 20.53
N ARG A 53 6.76 -12.79 21.28
CA ARG A 53 7.14 -13.89 22.21
C ARG A 53 7.82 -15.05 21.44
N VAL A 54 7.55 -15.21 20.14
CA VAL A 54 8.21 -16.27 19.32
C VAL A 54 9.71 -15.98 19.26
N TYR A 55 10.12 -14.71 19.39
CA TYR A 55 11.50 -14.22 19.16
C TYR A 55 12.28 -14.00 20.45
N LYS A 56 11.75 -14.36 21.62
CA LYS A 56 12.37 -13.96 22.91
C LYS A 56 13.78 -14.56 23.02
N TYR A 57 14.04 -15.75 22.47
CA TYR A 57 15.39 -16.38 22.51
C TYR A 57 16.30 -15.75 21.45
N LEU A 58 15.75 -15.50 20.27
CA LEU A 58 16.50 -14.84 19.17
C LEU A 58 16.89 -13.42 19.63
N ILE A 59 15.98 -12.68 20.26
CA ILE A 59 16.28 -11.32 20.80
C ILE A 59 17.48 -11.43 21.73
N GLN A 60 17.54 -12.45 22.58
CA GLN A 60 18.67 -12.63 23.54
C GLN A 60 19.99 -12.87 22.79
N GLU A 61 19.97 -13.50 21.61
CA GLU A 61 21.19 -13.74 20.80
C GLU A 61 21.71 -12.42 20.22
N LEU A 62 20.81 -11.51 19.85
CA LEU A 62 21.15 -10.30 19.06
C LEU A 62 21.22 -9.05 19.95
N ASP A 63 20.60 -9.08 21.14
CA ASP A 63 20.35 -7.89 22.01
C ASP A 63 21.60 -7.01 22.08
N ALA A 64 22.75 -7.58 22.46
CA ALA A 64 24.02 -6.87 22.77
C ALA A 64 24.49 -6.02 21.58
N ASP A 65 24.43 -6.55 20.35
CA ASP A 65 25.21 -6.03 19.19
C ASP A 65 24.32 -5.30 18.19
N PHE A 66 23.00 -5.36 18.32
CA PHE A 66 22.07 -4.76 17.33
C PHE A 66 20.90 -4.11 18.04
N ARG A 67 20.36 -3.09 17.39
CA ARG A 67 18.99 -2.61 17.64
C ARG A 67 18.03 -3.63 17.07
N VAL A 68 17.09 -4.10 17.88
CA VAL A 68 16.15 -5.20 17.52
C VAL A 68 14.74 -4.66 17.71
N ILE A 69 13.98 -4.58 16.60
N ILE A 69 13.97 -4.58 16.60
CA ILE A 69 12.56 -4.13 16.55
CA ILE A 69 12.55 -4.14 16.57
C ILE A 69 11.70 -5.34 16.17
C ILE A 69 11.70 -5.33 16.17
N VAL A 70 10.60 -5.56 16.88
CA VAL A 70 9.63 -6.64 16.55
C VAL A 70 8.23 -6.05 16.60
N PRO A 71 7.63 -5.70 15.43
CA PRO A 71 6.27 -5.20 15.43
C PRO A 71 5.30 -6.37 15.64
N ASN A 72 4.19 -6.07 16.32
CA ASN A 72 3.00 -6.95 16.42
C ASN A 72 1.94 -6.42 15.46
N TRP A 73 1.26 -7.32 14.75
CA TRP A 73 0.22 -6.95 13.77
C TRP A 73 -1.06 -6.54 14.49
N ARG A 74 -2.01 -5.99 13.73
CA ARG A 74 -3.31 -5.53 14.23
C ARG A 74 -4.03 -6.72 14.88
N GLY A 75 -4.48 -6.54 16.13
CA GLY A 75 -5.20 -7.57 16.89
C GLY A 75 -4.27 -8.62 17.48
N HIS A 76 -2.94 -8.39 17.39
CA HIS A 76 -1.86 -9.29 17.89
C HIS A 76 -1.17 -8.67 19.10
N GLY A 77 -0.72 -9.54 20.01
CA GLY A 77 0.10 -9.16 21.18
C GLY A 77 -0.37 -9.91 22.41
N LEU A 78 0.06 -9.44 23.58
CA LEU A 78 -0.22 -10.05 24.90
C LEU A 78 -1.73 -10.12 25.14
N SER A 79 -2.47 -9.14 24.63
CA SER A 79 -3.96 -9.08 24.68
C SER A 79 -4.52 -9.01 23.27
N PRO A 80 -4.72 -10.16 22.58
CA PRO A 80 -5.28 -10.19 21.24
C PRO A 80 -6.65 -9.50 21.22
N SER A 81 -7.11 -9.06 20.05
CA SER A 81 -8.39 -8.32 19.91
C SER A 81 -8.92 -8.47 18.48
N GLU A 82 -10.25 -8.56 18.37
CA GLU A 82 -11.00 -8.45 17.09
C GLU A 82 -10.69 -7.06 16.51
N VAL A 83 -10.36 -7.02 15.22
CA VAL A 83 -10.04 -5.77 14.46
C VAL A 83 -10.56 -5.94 13.03
N PRO A 84 -10.67 -4.85 12.25
CA PRO A 84 -11.10 -4.95 10.85
C PRO A 84 -10.13 -5.75 9.95
N ASP A 85 -10.65 -6.37 8.90
CA ASP A 85 -9.87 -7.17 7.91
C ASP A 85 -8.68 -6.36 7.42
N PHE A 86 -7.54 -7.03 7.25
CA PHE A 86 -6.29 -6.46 6.69
C PHE A 86 -5.45 -7.62 6.15
N GLY A 87 -4.48 -7.29 5.29
CA GLY A 87 -3.63 -8.24 4.57
C GLY A 87 -2.18 -7.83 4.71
N TYR A 88 -1.28 -8.44 3.93
CA TYR A 88 0.17 -8.27 4.12
C TYR A 88 0.59 -6.87 3.66
N GLN A 89 -0.17 -6.26 2.75
CA GLN A 89 0.06 -4.87 2.31
C GLN A 89 -0.04 -3.94 3.53
N GLU A 90 -1.05 -4.14 4.37
CA GLU A 90 -1.26 -3.28 5.57
C GLU A 90 -0.17 -3.60 6.61
N GLN A 91 0.28 -4.86 6.68
CA GLN A 91 1.36 -5.25 7.62
C GLN A 91 2.63 -4.48 7.26
N VAL A 92 2.97 -4.34 5.98
CA VAL A 92 4.18 -3.60 5.50
C VAL A 92 4.09 -2.12 5.89
N LYS A 93 2.96 -1.48 5.61
CA LYS A 93 2.73 -0.04 5.95
C LYS A 93 2.85 0.13 7.47
N ASP A 94 2.24 -0.77 8.25
CA ASP A 94 2.34 -0.76 9.73
C ASP A 94 3.80 -0.87 10.15
N ALA A 95 4.57 -1.80 9.56
CA ALA A 95 5.99 -2.05 9.92
C ALA A 95 6.79 -0.77 9.65
N LEU A 96 6.56 -0.13 8.51
CA LEU A 96 7.30 1.05 8.03
C LEU A 96 6.93 2.30 8.84
N GLU A 97 5.65 2.49 9.20
CA GLU A 97 5.21 3.63 10.04
C GLU A 97 5.91 3.52 11.40
N ILE A 98 6.05 2.30 11.93
CA ILE A 98 6.76 2.08 13.23
C ILE A 98 8.23 2.48 13.06
N LEU A 99 8.89 2.06 11.98
CA LEU A 99 10.31 2.38 11.71
C LEU A 99 10.50 3.89 11.55
N ASP A 100 9.53 4.57 10.93
CA ASP A 100 9.55 6.06 10.73
C ASP A 100 9.53 6.74 12.11
N GLN A 101 8.59 6.33 12.98
CA GLN A 101 8.42 6.89 14.35
C GLN A 101 9.72 6.75 15.14
N LEU A 102 10.51 5.69 14.90
CA LEU A 102 11.72 5.36 15.69
C LEU A 102 12.97 5.98 15.04
N GLY A 103 12.83 6.57 13.85
CA GLY A 103 13.97 7.17 13.12
C GLY A 103 14.94 6.13 12.62
N VAL A 104 14.43 4.95 12.23
CA VAL A 104 15.28 3.85 11.70
C VAL A 104 15.36 3.99 10.18
N GLU A 105 16.57 3.97 9.61
CA GLU A 105 16.75 4.03 8.14
C GLU A 105 17.00 2.63 7.59
N THR A 106 18.24 2.14 7.69
CA THR A 106 18.61 0.82 7.09
C THR A 106 18.20 -0.29 8.07
N PHE A 107 17.53 -1.33 7.55
CA PHE A 107 17.10 -2.48 8.40
C PHE A 107 17.30 -3.81 7.65
N LEU A 108 17.56 -4.88 8.40
CA LEU A 108 17.62 -6.27 7.89
C LEU A 108 16.34 -6.96 8.34
N PRO A 109 15.34 -7.13 7.44
CA PRO A 109 14.12 -7.83 7.77
C PRO A 109 14.40 -9.33 7.91
N VAL A 110 13.86 -9.94 8.95
CA VAL A 110 13.92 -11.41 9.23
C VAL A 110 12.49 -11.86 9.54
N SER A 111 11.97 -12.81 8.79
CA SER A 111 10.57 -13.30 8.95
C SER A 111 10.53 -14.74 9.44
N HIS A 112 9.41 -15.10 10.07
CA HIS A 112 9.02 -16.49 10.38
C HIS A 112 7.82 -16.82 9.50
N SER A 113 7.85 -17.96 8.81
CA SER A 113 6.73 -18.53 8.02
C SER A 113 6.11 -17.41 7.18
N HIS A 114 4.80 -17.19 7.29
CA HIS A 114 3.98 -16.34 6.38
C HIS A 114 4.11 -14.85 6.74
N GLY A 115 4.92 -14.53 7.75
CA GLY A 115 5.61 -13.23 7.85
C GLY A 115 6.40 -12.95 6.58
N GLY A 116 6.69 -14.00 5.78
CA GLY A 116 7.51 -13.90 4.56
C GLY A 116 6.89 -12.98 3.53
N TRP A 117 5.56 -13.00 3.39
CA TRP A 117 4.80 -12.16 2.43
C TRP A 117 5.02 -10.68 2.79
N VAL A 118 5.04 -10.35 4.10
CA VAL A 118 5.35 -8.99 4.63
C VAL A 118 6.79 -8.65 4.24
N LEU A 119 7.72 -9.57 4.47
CA LEU A 119 9.17 -9.31 4.25
C LEU A 119 9.43 -8.95 2.78
N VAL A 120 8.90 -9.74 1.86
CA VAL A 120 9.20 -9.63 0.40
C VAL A 120 8.54 -8.33 -0.10
N GLU A 121 7.32 -8.05 0.33
CA GLU A 121 6.62 -6.78 -0.01
C GLU A 121 7.36 -5.60 0.63
N LEU A 122 7.87 -5.77 1.85
CA LEU A 122 8.70 -4.75 2.56
C LEU A 122 9.95 -4.46 1.71
N LEU A 123 10.61 -5.49 1.17
CA LEU A 123 11.81 -5.32 0.31
C LEU A 123 11.42 -4.47 -0.92
N GLU A 124 10.31 -4.78 -1.56
CA GLU A 124 9.80 -4.03 -2.74
C GLU A 124 9.51 -2.58 -2.34
N GLN A 125 8.72 -2.37 -1.28
CA GLN A 125 8.23 -1.02 -0.88
C GLN A 125 9.38 -0.17 -0.35
N ALA A 126 10.30 -0.75 0.43
CA ALA A 126 11.40 0.00 1.10
C ALA A 126 12.56 0.21 0.12
N GLY A 127 12.74 -0.70 -0.84
CA GLY A 127 13.81 -0.65 -1.85
C GLY A 127 15.15 -1.09 -1.27
N PRO A 128 16.16 -1.34 -2.14
CA PRO A 128 17.41 -1.96 -1.72
C PRO A 128 18.39 -1.04 -0.96
N GLU A 129 18.06 0.24 -0.77
CA GLU A 129 18.86 1.20 0.03
C GLU A 129 18.57 0.96 1.52
N ARG A 130 17.30 1.08 1.92
CA ARG A 130 16.79 0.83 3.30
C ARG A 130 16.94 -0.65 3.67
N ALA A 131 16.58 -1.56 2.75
CA ALA A 131 16.50 -3.03 2.98
C ALA A 131 17.34 -3.76 1.93
N PRO A 132 18.68 -3.77 2.07
CA PRO A 132 19.56 -4.38 1.08
C PRO A 132 19.58 -5.92 1.08
N ARG A 133 19.05 -6.56 2.13
CA ARG A 133 19.01 -8.04 2.28
C ARG A 133 17.79 -8.50 3.07
N GLY A 134 17.49 -9.80 3.04
CA GLY A 134 16.38 -10.40 3.80
C GLY A 134 16.69 -11.82 4.22
N ILE A 135 16.22 -12.22 5.41
CA ILE A 135 16.26 -13.63 5.89
C ILE A 135 14.83 -14.07 6.14
N ILE A 136 14.44 -15.14 5.47
CA ILE A 136 13.12 -15.79 5.65
C ILE A 136 13.39 -17.10 6.37
N MET A 137 12.68 -17.35 7.46
CA MET A 137 12.84 -18.60 8.23
C MET A 137 11.60 -19.48 8.03
N ASP A 138 11.83 -20.77 7.77
CA ASP A 138 10.77 -21.83 7.71
C ASP A 138 9.51 -21.31 6.99
N TRP A 139 9.63 -21.00 5.71
CA TRP A 139 8.47 -20.52 4.90
C TRP A 139 8.23 -21.50 3.75
N LEU A 140 7.02 -22.06 3.66
CA LEU A 140 6.70 -23.10 2.64
C LEU A 140 6.92 -22.51 1.24
N MET A 141 8.00 -22.92 0.57
CA MET A 141 8.46 -22.30 -0.70
C MET A 141 7.56 -22.69 -1.86
N TRP A 142 6.90 -23.84 -1.78
CA TRP A 142 6.02 -24.34 -2.86
C TRP A 142 4.57 -23.95 -2.59
N ALA A 143 3.73 -24.07 -3.62
CA ALA A 143 2.27 -23.92 -3.54
C ALA A 143 1.73 -24.97 -2.57
N PRO A 144 0.65 -24.66 -1.82
CA PRO A 144 0.15 -25.57 -0.79
C PRO A 144 -0.10 -27.00 -1.30
N LYS A 145 0.44 -27.99 -0.58
CA LYS A 145 0.14 -29.43 -0.74
C LYS A 145 -1.25 -29.73 -0.18
N PRO A 146 -1.92 -30.82 -0.63
CA PRO A 146 -3.24 -31.20 -0.12
C PRO A 146 -3.48 -30.99 1.38
N ASP A 147 -2.54 -31.44 2.23
N ASP A 147 -2.54 -31.42 2.23
CA ASP A 147 -2.60 -31.37 3.72
CA ASP A 147 -2.67 -31.37 3.71
C ASP A 147 -2.74 -29.91 4.16
C ASP A 147 -2.74 -29.91 4.17
N PHE A 148 -1.81 -29.06 3.74
CA PHE A 148 -1.75 -27.63 4.13
C PHE A 148 -2.96 -26.87 3.56
N ALA A 149 -3.29 -27.10 2.28
CA ALA A 149 -4.51 -26.55 1.64
C ALA A 149 -5.73 -26.92 2.50
N LYS A 150 -5.78 -28.16 3.01
CA LYS A 150 -6.89 -28.63 3.88
C LYS A 150 -6.89 -27.84 5.21
N SER A 151 -5.72 -27.56 5.76
CA SER A 151 -5.53 -26.80 7.02
C SER A 151 -6.10 -25.37 6.88
N LEU A 152 -5.83 -24.69 5.76
CA LEU A 152 -6.26 -23.29 5.54
C LEU A 152 -7.79 -23.25 5.48
N THR A 153 -8.39 -24.17 4.72
CA THR A 153 -9.84 -24.46 4.66
C THR A 153 -10.43 -24.51 6.07
N LEU A 154 -9.88 -25.37 6.94
CA LEU A 154 -10.36 -25.53 8.35
C LEU A 154 -10.24 -24.22 9.11
N LEU A 155 -9.15 -23.46 8.91
CA LEU A 155 -8.88 -22.19 9.66
C LEU A 155 -9.99 -21.18 9.34
N LYS A 156 -10.50 -21.18 8.11
CA LYS A 156 -11.52 -20.20 7.64
C LYS A 156 -12.93 -20.61 8.10
N ASP A 157 -13.13 -21.90 8.42
CA ASP A 157 -14.42 -22.47 8.88
C ASP A 157 -14.67 -22.07 10.34
N PRO A 158 -15.69 -21.23 10.63
CA PRO A 158 -15.95 -20.78 12.00
C PRO A 158 -16.30 -21.94 12.95
N GLU A 159 -16.70 -23.07 12.39
CA GLU A 159 -17.04 -24.31 13.15
C GLU A 159 -15.76 -25.06 13.51
N ARG A 160 -14.74 -25.07 12.62
CA ARG A 160 -13.66 -26.08 12.64
C ARG A 160 -12.26 -25.43 12.72
N TRP A 161 -12.18 -24.15 13.08
CA TRP A 161 -10.91 -23.37 13.06
C TRP A 161 -9.91 -23.94 14.07
N ARG A 162 -10.36 -24.35 15.25
CA ARG A 162 -9.48 -24.84 16.34
C ARG A 162 -8.90 -26.22 15.95
N GLU A 163 -9.74 -27.08 15.38
CA GLU A 163 -9.34 -28.36 14.72
C GLU A 163 -8.24 -28.06 13.69
N GLY A 164 -8.40 -26.98 12.92
CA GLY A 164 -7.42 -26.49 11.94
C GLY A 164 -6.06 -26.25 12.57
N THR A 165 -6.03 -25.52 13.70
CA THR A 165 -4.80 -25.10 14.42
C THR A 165 -4.10 -26.32 15.05
N HIS A 166 -4.85 -27.35 15.47
CA HIS A 166 -4.35 -28.58 16.13
C HIS A 166 -3.60 -29.45 15.12
N GLY A 167 -4.17 -29.62 13.93
CA GLY A 167 -3.50 -30.25 12.78
C GLY A 167 -2.17 -29.55 12.46
N LEU A 168 -2.17 -28.22 12.42
CA LEU A 168 -0.94 -27.41 12.14
C LEU A 168 0.08 -27.60 13.26
N PHE A 169 -0.34 -27.53 14.53
CA PHE A 169 0.56 -27.75 15.69
C PHE A 169 1.24 -29.12 15.56
N ASP A 170 0.51 -30.18 15.20
CA ASP A 170 1.05 -31.56 14.98
C ASP A 170 2.14 -31.55 13.89
N VAL A 171 1.90 -30.89 12.77
CA VAL A 171 2.87 -30.79 11.63
C VAL A 171 4.12 -30.03 12.10
N TRP A 172 3.93 -28.92 12.82
CA TRP A 172 5.05 -28.02 13.20
C TRP A 172 5.96 -28.68 14.25
N LEU A 173 5.40 -29.50 15.15
CA LEU A 173 6.17 -30.21 16.21
C LEU A 173 6.84 -31.46 15.64
N ASP A 174 6.31 -32.00 14.55
CA ASP A 174 6.89 -33.12 13.77
C ASP A 174 7.23 -34.30 14.69
N GLY A 175 6.39 -34.57 15.69
CA GLY A 175 6.52 -35.75 16.57
C GLY A 175 7.55 -35.51 17.68
N HIS A 176 7.94 -34.26 17.93
CA HIS A 176 8.96 -33.91 18.95
C HIS A 176 8.28 -33.42 20.23
N ASP A 177 8.76 -33.88 21.40
CA ASP A 177 8.39 -33.33 22.73
C ASP A 177 9.28 -32.11 23.01
N GLU A 178 9.14 -31.09 22.17
CA GLU A 178 9.99 -29.90 22.18
C GLU A 178 9.32 -28.87 23.10
N LYS A 179 9.81 -28.80 24.34
CA LYS A 179 9.21 -28.08 25.50
C LYS A 179 8.93 -26.62 25.14
N ARG A 180 9.92 -25.88 24.62
CA ARG A 180 9.80 -24.41 24.35
C ARG A 180 8.82 -24.14 23.21
N VAL A 181 8.76 -25.01 22.19
CA VAL A 181 7.88 -24.79 21.01
C VAL A 181 6.45 -25.14 21.40
N ARG A 182 6.26 -26.21 22.18
CA ARG A 182 4.94 -26.59 22.71
C ARG A 182 4.38 -25.45 23.58
N HIS A 183 5.24 -24.81 24.39
CA HIS A 183 4.87 -23.66 25.25
C HIS A 183 4.34 -22.51 24.37
N HIS A 184 5.05 -22.22 23.27
CA HIS A 184 4.69 -21.17 22.30
C HIS A 184 3.30 -21.45 21.69
N LEU A 185 3.07 -22.67 21.19
CA LEU A 185 1.81 -23.03 20.49
C LEU A 185 0.64 -23.15 21.48
N LEU A 186 0.85 -23.74 22.67
CA LEU A 186 -0.26 -24.15 23.57
C LEU A 186 -0.51 -23.08 24.64
N GLU A 187 0.49 -22.26 24.96
CA GLU A 187 0.34 -21.16 25.96
C GLU A 187 0.36 -19.78 25.25
N GLU A 188 1.33 -19.52 24.37
CA GLU A 188 1.55 -18.15 23.86
C GLU A 188 0.60 -17.82 22.70
N MET A 189 0.04 -18.84 22.01
CA MET A 189 -0.94 -18.65 20.92
C MET A 189 -2.38 -18.92 21.41
N ALA A 190 -2.57 -19.25 22.69
CA ALA A 190 -3.83 -19.82 23.23
C ALA A 190 -4.95 -18.77 23.20
N ASP A 191 -4.60 -17.48 23.27
CA ASP A 191 -5.59 -16.38 23.37
C ASP A 191 -6.01 -15.89 21.98
N TYR A 192 -5.49 -16.47 20.89
CA TYR A 192 -5.89 -16.11 19.51
C TYR A 192 -7.14 -16.92 19.14
N GLY A 193 -8.16 -16.26 18.60
CA GLY A 193 -9.45 -16.87 18.25
C GLY A 193 -9.67 -16.89 16.75
N TYR A 194 -10.89 -17.27 16.34
CA TYR A 194 -11.32 -17.40 14.93
C TYR A 194 -10.99 -16.13 14.13
N ASP A 195 -11.07 -14.95 14.73
CA ASP A 195 -10.89 -13.66 14.01
C ASP A 195 -9.51 -13.64 13.35
N CYS A 196 -8.45 -13.93 14.12
CA CYS A 196 -7.05 -13.98 13.61
C CYS A 196 -6.88 -15.16 12.67
N TRP A 197 -7.16 -16.38 13.16
CA TRP A 197 -6.88 -17.65 12.44
C TRP A 197 -7.66 -17.68 11.12
N GLY A 198 -8.95 -17.34 11.15
CA GLY A 198 -9.78 -17.24 9.94
C GLY A 198 -9.16 -16.31 8.92
N ARG A 199 -8.66 -15.17 9.39
CA ARG A 199 -8.00 -14.13 8.56
C ARG A 199 -6.66 -14.63 8.03
N SER A 200 -5.89 -15.37 8.85
CA SER A 200 -4.58 -15.96 8.43
C SER A 200 -4.81 -16.92 7.25
N GLY A 201 -5.84 -17.76 7.36
CA GLY A 201 -6.24 -18.71 6.31
C GLY A 201 -6.60 -18.01 5.01
N ARG A 202 -7.36 -16.92 5.10
N ARG A 202 -7.36 -16.92 5.10
CA ARG A 202 -7.85 -16.12 3.94
CA ARG A 202 -7.85 -16.12 3.94
C ARG A 202 -6.66 -15.41 3.27
C ARG A 202 -6.66 -15.41 3.28
N VAL A 203 -5.82 -14.74 4.07
CA VAL A 203 -4.68 -13.92 3.57
C VAL A 203 -3.62 -14.83 2.93
N ILE A 204 -3.29 -15.96 3.57
CA ILE A 204 -2.24 -16.89 3.05
C ILE A 204 -2.75 -17.56 1.78
N GLU A 205 -3.97 -18.10 1.81
CA GLU A 205 -4.57 -18.78 0.65
C GLU A 205 -4.61 -17.80 -0.54
N ASP A 206 -4.93 -16.54 -0.27
CA ASP A 206 -4.99 -15.46 -1.31
C ASP A 206 -3.58 -15.08 -1.77
N ALA A 207 -2.61 -15.03 -0.86
CA ALA A 207 -1.20 -14.70 -1.19
C ALA A 207 -0.68 -15.69 -2.23
N TYR A 208 -0.85 -17.00 -1.98
CA TYR A 208 -0.41 -18.08 -2.91
C TYR A 208 -1.15 -17.95 -4.25
N GLY A 209 -2.49 -17.87 -4.23
CA GLY A 209 -3.32 -17.71 -5.43
C GLY A 209 -2.87 -16.53 -6.28
N ARG A 210 -2.60 -15.38 -5.65
CA ARG A 210 -2.27 -14.10 -6.33
C ARG A 210 -0.80 -14.06 -6.76
N ASN A 211 0.13 -14.46 -5.90
CA ASN A 211 1.59 -14.38 -6.18
C ASN A 211 2.15 -15.71 -6.69
N GLY A 212 1.38 -16.81 -6.62
CA GLY A 212 1.81 -18.14 -7.07
C GLY A 212 2.54 -18.90 -5.96
N SER A 213 3.68 -18.39 -5.53
CA SER A 213 4.49 -18.99 -4.45
C SER A 213 5.44 -17.93 -3.92
N PRO A 214 6.01 -18.11 -2.72
CA PRO A 214 7.07 -17.24 -2.23
C PRO A 214 8.22 -17.04 -3.24
N MET A 215 8.63 -18.14 -3.89
CA MET A 215 9.69 -18.15 -4.93
C MET A 215 9.27 -17.30 -6.14
N GLN A 216 8.04 -17.45 -6.64
CA GLN A 216 7.58 -16.63 -7.81
C GLN A 216 7.61 -15.15 -7.43
N MET A 217 7.14 -14.82 -6.22
CA MET A 217 7.09 -13.43 -5.69
C MET A 217 8.49 -12.81 -5.55
N MET A 218 9.49 -13.58 -5.08
CA MET A 218 10.87 -13.04 -4.84
C MET A 218 11.56 -12.83 -6.19
N ALA A 219 11.35 -13.76 -7.13
CA ALA A 219 11.88 -13.69 -8.51
C ALA A 219 11.31 -12.44 -9.21
N ASN A 220 10.11 -12.03 -8.82
CA ASN A 220 9.32 -10.92 -9.43
C ASN A 220 9.69 -9.54 -8.83
N LEU A 221 10.61 -9.46 -7.86
CA LEU A 221 11.02 -8.16 -7.26
C LEU A 221 11.63 -7.29 -8.37
N THR A 222 11.27 -6.00 -8.40
CA THR A 222 11.87 -4.99 -9.32
C THR A 222 13.38 -4.95 -9.09
N LYS A 223 13.80 -4.96 -7.82
CA LYS A 223 15.22 -4.95 -7.41
C LYS A 223 15.53 -6.21 -6.59
N THR A 224 16.05 -7.26 -7.23
CA THR A 224 16.48 -8.52 -6.56
C THR A 224 17.73 -8.20 -5.74
N ARG A 225 17.89 -8.90 -4.60
CA ARG A 225 18.89 -8.65 -3.53
C ARG A 225 19.20 -9.97 -2.82
N PRO A 226 20.31 -10.10 -2.08
CA PRO A 226 20.55 -11.29 -1.26
C PRO A 226 19.40 -11.69 -0.33
N ILE A 227 18.79 -12.86 -0.54
CA ILE A 227 17.78 -13.46 0.37
C ILE A 227 18.23 -14.88 0.76
N ARG A 228 18.27 -15.19 2.06
CA ARG A 228 18.52 -16.58 2.51
C ARG A 228 17.27 -17.18 3.14
N HIS A 229 16.86 -18.34 2.65
CA HIS A 229 15.84 -19.20 3.31
C HIS A 229 16.56 -20.15 4.28
N ILE A 230 16.34 -19.97 5.59
CA ILE A 230 16.82 -20.92 6.64
C ILE A 230 15.60 -21.65 7.23
N PHE A 231 15.67 -22.98 7.26
CA PHE A 231 14.53 -23.85 7.60
C PHE A 231 15.03 -25.17 8.16
N SER A 232 14.19 -25.78 8.98
CA SER A 232 14.34 -27.16 9.53
C SER A 232 13.28 -28.09 8.91
N GLN A 233 12.12 -27.55 8.51
CA GLN A 233 10.97 -28.31 7.95
C GLN A 233 10.50 -27.68 6.64
N PRO A 234 9.88 -28.42 5.69
CA PRO A 234 9.82 -29.89 5.72
C PRO A 234 11.22 -30.52 5.57
N THR A 235 11.37 -31.76 6.04
CA THR A 235 12.67 -32.51 6.09
C THR A 235 12.87 -33.39 4.85
N GLU A 236 11.88 -33.47 3.94
N GLU A 236 11.88 -33.47 3.94
CA GLU A 236 11.93 -34.41 2.77
CA GLU A 236 11.93 -34.40 2.77
C GLU A 236 12.91 -33.88 1.73
C GLU A 236 12.91 -33.88 1.73
N PRO A 237 13.73 -34.78 1.12
CA PRO A 237 14.67 -34.37 0.07
C PRO A 237 14.08 -33.61 -1.12
N GLU A 238 12.80 -33.81 -1.43
CA GLU A 238 12.13 -33.13 -2.58
C GLU A 238 12.00 -31.63 -2.26
N TYR A 239 11.88 -31.27 -0.97
CA TYR A 239 11.75 -29.85 -0.55
C TYR A 239 13.12 -29.17 -0.62
N GLU A 240 14.16 -29.86 -0.17
CA GLU A 240 15.55 -29.35 -0.28
C GLU A 240 15.89 -29.12 -1.77
N LYS A 241 15.35 -29.96 -2.67
CA LYS A 241 15.63 -29.85 -4.13
C LYS A 241 15.01 -28.58 -4.72
N ILE A 242 13.82 -28.14 -4.30
CA ILE A 242 13.22 -26.89 -4.88
C ILE A 242 14.07 -25.70 -4.42
N ASN A 243 14.68 -25.77 -3.23
CA ASN A 243 15.55 -24.68 -2.70
C ASN A 243 16.86 -24.65 -3.51
N SER A 244 17.53 -25.80 -3.65
N SER A 244 17.53 -25.80 -3.65
CA SER A 244 18.78 -25.97 -4.43
CA SER A 244 18.78 -25.97 -4.43
C SER A 244 18.56 -25.55 -5.89
C SER A 244 18.56 -25.55 -5.89
N ASP A 245 17.43 -25.94 -6.50
CA ASP A 245 17.12 -25.63 -7.92
C ASP A 245 16.90 -24.13 -8.09
N PHE A 246 16.28 -23.48 -7.10
CA PHE A 246 15.98 -22.02 -7.13
C PHE A 246 17.28 -21.24 -6.90
N ALA A 247 18.14 -21.80 -6.03
CA ALA A 247 19.46 -21.24 -5.67
C ALA A 247 20.38 -21.29 -6.89
N GLU A 248 20.36 -22.38 -7.65
CA GLU A 248 21.18 -22.55 -8.88
C GLU A 248 20.74 -21.52 -9.93
N GLN A 249 19.45 -21.19 -9.97
CA GLN A 249 18.82 -20.31 -10.99
C GLN A 249 18.99 -18.83 -10.62
N HIS A 250 19.14 -18.51 -9.33
CA HIS A 250 19.16 -17.11 -8.82
C HIS A 250 20.41 -16.87 -7.98
N PRO A 251 21.39 -16.09 -8.49
CA PRO A 251 22.62 -15.80 -7.75
C PRO A 251 22.36 -15.20 -6.35
N TRP A 252 21.26 -14.47 -6.21
CA TRP A 252 20.92 -13.70 -4.98
C TRP A 252 20.28 -14.62 -3.94
N PHE A 253 19.79 -15.81 -4.30
CA PHE A 253 19.12 -16.75 -3.36
C PHE A 253 20.10 -17.80 -2.80
N SER A 254 20.04 -18.00 -1.48
CA SER A 254 20.74 -19.10 -0.76
C SER A 254 19.79 -19.69 0.29
N TYR A 255 20.13 -20.86 0.79
CA TYR A 255 19.38 -21.56 1.84
C TYR A 255 20.41 -22.20 2.77
N ALA A 256 20.00 -22.42 4.01
CA ALA A 256 20.68 -23.35 4.94
C ALA A 256 19.60 -24.18 5.62
N LYS A 257 19.78 -25.50 5.57
CA LYS A 257 18.99 -26.46 6.38
C LYS A 257 19.58 -26.48 7.79
N LEU A 258 18.82 -26.03 8.79
CA LEU A 258 19.29 -25.83 10.18
C LEU A 258 19.26 -27.13 10.98
N GLY A 259 18.47 -28.12 10.54
CA GLY A 259 18.37 -29.44 11.18
C GLY A 259 17.80 -29.38 12.59
N GLY A 260 17.02 -28.35 12.92
CA GLY A 260 16.27 -28.29 14.19
C GLY A 260 15.09 -29.25 14.14
N PRO A 261 14.50 -29.62 15.29
CA PRO A 261 13.34 -30.53 15.31
C PRO A 261 11.99 -30.00 14.82
N THR A 262 11.71 -28.70 14.94
CA THR A 262 10.35 -28.13 14.66
C THR A 262 10.43 -27.08 13.55
N ALA A 263 9.26 -26.63 13.12
CA ALA A 263 9.07 -25.52 12.17
C ALA A 263 9.36 -24.17 12.82
N PHE A 264 9.87 -24.09 14.06
CA PHE A 264 10.15 -22.80 14.77
C PHE A 264 11.63 -22.71 15.15
N PRO A 265 12.54 -22.53 14.17
CA PRO A 265 13.97 -22.47 14.45
C PRO A 265 14.36 -21.31 15.37
N ALA A 266 13.65 -20.17 15.29
CA ALA A 266 13.90 -19.01 16.19
C ALA A 266 13.81 -19.44 17.66
N ILE A 267 12.94 -20.42 17.97
CA ILE A 267 12.76 -20.97 19.34
C ILE A 267 13.75 -22.11 19.62
N ASP A 268 13.83 -23.11 18.74
CA ASP A 268 14.54 -24.37 19.11
C ASP A 268 16.00 -24.37 18.62
N VAL A 269 16.42 -23.48 17.70
CA VAL A 269 17.86 -23.36 17.30
C VAL A 269 18.22 -21.89 17.18
N PRO A 270 17.94 -21.08 18.23
CA PRO A 270 18.09 -19.63 18.15
C PRO A 270 19.52 -19.22 17.81
N ASP A 271 20.51 -19.99 18.30
CA ASP A 271 21.96 -19.72 18.10
C ASP A 271 22.28 -19.84 16.61
N ARG A 272 21.67 -20.81 15.93
CA ARG A 272 21.90 -21.07 14.48
C ARG A 272 21.20 -19.98 13.67
N ALA A 273 19.97 -19.64 14.00
CA ALA A 273 19.20 -18.54 13.36
C ALA A 273 20.06 -17.29 13.42
N ALA A 274 20.63 -17.00 14.60
CA ALA A 274 21.39 -15.77 14.92
C ALA A 274 22.68 -15.64 14.10
N VAL A 275 23.37 -16.73 13.78
CA VAL A 275 24.67 -16.62 13.04
C VAL A 275 24.40 -16.29 11.56
N HIS A 276 23.28 -16.75 11.00
CA HIS A 276 22.86 -16.37 9.63
C HIS A 276 22.45 -14.89 9.61
N ILE A 277 21.75 -14.42 10.64
CA ILE A 277 21.36 -12.97 10.72
C ILE A 277 22.63 -12.12 10.84
N ARG A 278 23.58 -12.51 11.71
N ARG A 278 23.58 -12.51 11.70
CA ARG A 278 24.85 -11.77 11.93
CA ARG A 278 24.85 -11.77 11.93
C ARG A 278 25.67 -11.73 10.64
C ARG A 278 25.67 -11.73 10.64
N GLU A 279 25.73 -12.84 9.90
CA GLU A 279 26.48 -12.90 8.61
C GLU A 279 25.92 -11.83 7.66
N PHE A 280 24.60 -11.78 7.50
CA PHE A 280 23.90 -10.82 6.60
C PHE A 280 24.05 -9.39 7.14
N ALA A 281 23.95 -9.19 8.46
CA ALA A 281 24.15 -7.88 9.12
C ALA A 281 25.59 -7.37 8.90
N THR A 282 26.59 -8.26 8.92
CA THR A 282 28.03 -7.93 8.73
C THR A 282 28.30 -7.56 7.27
N ALA A 283 27.66 -8.26 6.33
CA ALA A 283 27.79 -8.01 4.87
C ALA A 283 27.24 -6.63 4.54
N ILE A 284 26.14 -6.22 5.17
CA ILE A 284 25.52 -4.86 5.03
C ILE A 284 26.50 -3.81 5.60
N ARG A 285 27.07 -4.08 6.78
CA ARG A 285 28.03 -3.16 7.48
C ARG A 285 29.28 -2.93 6.63
N GLN A 286 29.66 -3.88 5.78
CA GLN A 286 30.79 -3.73 4.83
C GLN A 286 30.31 -3.10 3.51
N GLY A 287 30.97 -2.02 3.09
CA GLY A 287 30.50 -1.12 2.03
C GLY A 287 29.42 -0.18 2.52
N ASP B 15 -7.43 9.16 -28.82
CA ASP B 15 -7.51 10.56 -29.36
C ASP B 15 -6.20 10.90 -30.10
N THR B 16 -6.26 11.93 -30.95
CA THR B 16 -5.11 12.49 -31.71
C THR B 16 -3.96 12.88 -30.76
N TYR B 17 -4.25 13.21 -29.49
CA TYR B 17 -3.27 13.82 -28.54
C TYR B 17 -2.66 12.78 -27.59
N LEU B 18 -2.99 11.50 -27.75
CA LEU B 18 -2.46 10.41 -26.87
C LEU B 18 -1.03 10.06 -27.29
N HIS B 19 -0.11 9.99 -26.32
CA HIS B 19 1.32 9.63 -26.45
C HIS B 19 1.68 8.55 -25.43
N GLU B 20 2.85 7.95 -25.58
CA GLU B 20 3.46 7.02 -24.59
C GLU B 20 4.94 7.38 -24.45
N THR B 21 5.49 7.33 -23.24
CA THR B 21 6.91 7.61 -22.94
C THR B 21 7.36 6.74 -21.77
N LEU B 22 8.66 6.47 -21.66
CA LEU B 22 9.21 5.70 -20.52
C LEU B 22 9.48 6.68 -19.37
N VAL B 23 8.78 6.50 -18.26
CA VAL B 23 8.97 7.35 -17.04
C VAL B 23 9.63 6.46 -15.99
N PHE B 24 10.88 6.77 -15.62
CA PHE B 24 11.67 5.90 -14.71
C PHE B 24 11.66 4.48 -15.31
N ASP B 25 10.97 3.52 -14.68
CA ASP B 25 10.99 2.11 -15.13
C ASP B 25 9.64 1.70 -15.72
N ASN B 26 8.78 2.66 -16.06
CA ASN B 26 7.38 2.33 -16.48
C ASN B 26 7.00 3.09 -17.74
N LYS B 27 6.38 2.40 -18.71
CA LYS B 27 5.80 3.01 -19.92
C LYS B 27 4.41 3.56 -19.58
N LEU B 28 4.25 4.87 -19.56
CA LEU B 28 2.99 5.55 -19.19
C LEU B 28 2.46 6.30 -20.40
N SER B 29 1.15 6.19 -20.68
CA SER B 29 0.43 7.08 -21.63
C SER B 29 0.12 8.41 -20.94
N TYR B 30 -0.13 9.43 -21.75
CA TYR B 30 -0.43 10.82 -21.33
C TYR B 30 -1.00 11.56 -22.52
N ILE B 31 -2.01 12.40 -22.29
CA ILE B 31 -2.51 13.40 -23.28
C ILE B 31 -1.55 14.60 -23.21
N ASP B 32 -1.21 15.15 -24.37
CA ASP B 32 -0.51 16.46 -24.57
C ASP B 32 -0.95 17.01 -25.93
N ASN B 33 -1.69 18.13 -25.94
CA ASN B 33 -2.21 18.74 -27.18
C ASN B 33 -1.09 19.59 -27.81
N GLN B 34 0.09 19.60 -27.17
CA GLN B 34 1.31 20.29 -27.64
C GLN B 34 0.94 21.65 -28.23
N ARG B 35 -0.04 22.34 -27.63
CA ARG B 35 -0.44 23.72 -28.01
C ARG B 35 0.75 24.64 -27.69
N ASP B 36 1.16 25.44 -28.67
CA ASP B 36 2.19 26.51 -28.48
C ASP B 36 1.43 27.79 -28.14
N THR B 37 1.46 28.19 -26.86
CA THR B 37 0.76 29.39 -26.35
C THR B 37 1.36 29.82 -25.00
N ASP B 38 0.96 31.01 -24.53
CA ASP B 38 1.32 31.55 -23.20
C ASP B 38 0.76 30.62 -22.12
N GLY B 39 1.52 30.46 -21.04
CA GLY B 39 1.22 29.56 -19.91
C GLY B 39 0.19 30.17 -18.97
N PRO B 40 -0.22 29.43 -17.91
CA PRO B 40 0.34 28.12 -17.60
C PRO B 40 -0.25 26.98 -18.43
N ALA B 41 0.48 25.87 -18.55
CA ALA B 41 -0.05 24.56 -18.99
C ALA B 41 -1.11 24.11 -18.00
N ILE B 42 -2.11 23.34 -18.45
CA ILE B 42 -3.18 22.80 -17.56
C ILE B 42 -2.99 21.29 -17.41
N LEU B 43 -2.59 20.87 -16.21
CA LEU B 43 -2.32 19.46 -15.84
C LEU B 43 -3.59 18.88 -15.22
N LEU B 44 -4.34 18.08 -15.99
CA LEU B 44 -5.54 17.34 -15.51
C LEU B 44 -5.08 15.99 -14.97
N LEU B 45 -5.34 15.73 -13.68
CA LEU B 45 -4.85 14.54 -12.94
C LEU B 45 -6.04 13.60 -12.70
N PRO B 46 -6.07 12.40 -13.32
CA PRO B 46 -7.13 11.44 -13.06
C PRO B 46 -7.06 10.95 -11.60
N GLY B 47 -8.21 10.49 -11.09
CA GLY B 47 -8.30 9.72 -9.84
C GLY B 47 -7.85 8.28 -10.06
N TRP B 48 -8.23 7.38 -9.15
CA TRP B 48 -7.82 5.95 -9.18
C TRP B 48 -8.70 5.14 -10.14
N CYS B 49 -8.08 4.26 -10.94
CA CYS B 49 -8.75 3.23 -11.77
C CYS B 49 -9.61 3.87 -12.86
N HIS B 50 -9.17 5.02 -13.36
CA HIS B 50 -9.65 5.59 -14.64
C HIS B 50 -8.49 6.37 -15.28
N ASP B 51 -8.68 6.83 -16.50
CA ASP B 51 -7.60 7.44 -17.32
C ASP B 51 -8.12 8.74 -17.95
N HIS B 52 -7.33 9.32 -18.85
CA HIS B 52 -7.57 10.58 -19.60
C HIS B 52 -8.99 10.64 -20.18
N ARG B 53 -9.65 9.50 -20.42
CA ARG B 53 -11.01 9.43 -21.02
C ARG B 53 -12.03 10.18 -20.14
N VAL B 54 -11.79 10.32 -18.84
CA VAL B 54 -12.71 11.07 -17.93
C VAL B 54 -12.72 12.54 -18.36
N TYR B 55 -11.63 13.04 -18.98
CA TYR B 55 -11.40 14.47 -19.28
C TYR B 55 -11.70 14.83 -20.74
N LYS B 56 -12.27 13.92 -21.54
CA LYS B 56 -12.33 14.13 -23.01
C LYS B 56 -13.20 15.36 -23.33
N TYR B 57 -14.24 15.64 -22.53
CA TYR B 57 -15.11 16.84 -22.75
C TYR B 57 -14.41 18.09 -22.23
N LEU B 58 -13.76 17.98 -21.08
CA LEU B 58 -13.02 19.12 -20.47
C LEU B 58 -11.87 19.50 -21.42
N ILE B 59 -11.15 18.52 -21.98
CA ILE B 59 -10.05 18.78 -22.96
C ILE B 59 -10.64 19.62 -24.12
N GLN B 60 -11.85 19.29 -24.59
CA GLN B 60 -12.49 20.03 -25.71
C GLN B 60 -12.80 21.48 -25.29
N GLU B 61 -13.08 21.75 -24.01
CA GLU B 61 -13.36 23.13 -23.50
C GLU B 61 -12.05 23.95 -23.53
N LEU B 62 -10.92 23.32 -23.25
CA LEU B 62 -9.64 24.04 -23.00
C LEU B 62 -8.70 23.99 -24.21
N ASP B 63 -8.91 23.03 -25.12
CA ASP B 63 -7.96 22.68 -26.21
C ASP B 63 -7.40 23.95 -26.86
N ALA B 64 -8.28 24.84 -27.35
CA ALA B 64 -7.97 26.03 -28.17
C ALA B 64 -6.96 26.96 -27.46
N ASP B 65 -7.13 27.22 -26.16
CA ASP B 65 -6.51 28.39 -25.47
C ASP B 65 -5.37 27.96 -24.54
N PHE B 66 -5.19 26.66 -24.28
CA PHE B 66 -4.18 26.17 -23.32
C PHE B 66 -3.49 24.92 -23.85
N ARG B 67 -2.25 24.74 -23.44
CA ARG B 67 -1.57 23.42 -23.46
C ARG B 67 -2.20 22.57 -22.36
N VAL B 68 -2.63 21.37 -22.71
CA VAL B 68 -3.39 20.45 -21.81
C VAL B 68 -2.64 19.13 -21.75
N ILE B 69 -2.13 18.78 -20.56
CA ILE B 69 -1.42 17.50 -20.27
C ILE B 69 -2.31 16.66 -19.34
N VAL B 70 -2.46 15.37 -19.62
CA VAL B 70 -3.20 14.42 -18.75
C VAL B 70 -2.37 13.15 -18.61
N PRO B 71 -1.63 12.98 -17.50
CA PRO B 71 -0.88 11.74 -17.29
C PRO B 71 -1.82 10.61 -16.89
N ASN B 72 -1.49 9.39 -17.29
CA ASN B 72 -2.09 8.14 -16.79
C ASN B 72 -1.12 7.52 -15.77
N TRP B 73 -1.65 7.00 -14.66
CA TRP B 73 -0.84 6.38 -13.58
C TRP B 73 -0.37 5.00 -14.03
N ARG B 74 0.54 4.42 -13.24
CA ARG B 74 1.11 3.07 -13.49
C ARG B 74 -0.03 2.06 -13.52
N GLY B 75 -0.10 1.25 -14.58
CA GLY B 75 -1.12 0.20 -14.75
C GLY B 75 -2.45 0.77 -15.20
N HIS B 76 -2.50 2.06 -15.55
CA HIS B 76 -3.70 2.80 -16.03
C HIS B 76 -3.56 3.16 -17.51
N GLY B 77 -4.69 3.22 -18.21
CA GLY B 77 -4.76 3.66 -19.61
C GLY B 77 -5.70 2.77 -20.40
N LEU B 78 -5.64 2.88 -21.73
CA LEU B 78 -6.51 2.11 -22.67
C LEU B 78 -6.29 0.60 -22.46
N SER B 79 -5.07 0.22 -22.08
CA SER B 79 -4.67 -1.18 -21.76
C SER B 79 -4.16 -1.23 -20.32
N PRO B 80 -5.05 -1.40 -19.31
CA PRO B 80 -4.63 -1.53 -17.92
C PRO B 80 -3.65 -2.71 -17.78
N SER B 81 -2.83 -2.72 -16.72
CA SER B 81 -1.86 -3.81 -16.46
C SER B 81 -1.54 -3.91 -14.97
N GLU B 82 -1.33 -5.14 -14.50
CA GLU B 82 -0.78 -5.43 -13.17
C GLU B 82 0.61 -4.80 -13.10
N VAL B 83 0.89 -4.07 -12.02
CA VAL B 83 2.20 -3.41 -11.78
C VAL B 83 2.51 -3.50 -10.29
N PRO B 84 3.75 -3.25 -9.85
CA PRO B 84 4.08 -3.24 -8.41
C PRO B 84 3.36 -2.13 -7.62
N ASP B 85 3.10 -2.38 -6.34
CA ASP B 85 2.40 -1.45 -5.42
C ASP B 85 3.07 -0.07 -5.50
N PHE B 86 2.25 0.98 -5.49
CA PHE B 86 2.69 2.39 -5.48
C PHE B 86 1.56 3.23 -4.87
N GLY B 87 1.90 4.45 -4.44
CA GLY B 87 0.98 5.39 -3.79
C GLY B 87 1.08 6.75 -4.44
N TYR B 88 0.52 7.77 -3.79
CA TYR B 88 0.38 9.12 -4.40
C TYR B 88 1.75 9.78 -4.50
N GLN B 89 2.70 9.40 -3.63
CA GLN B 89 4.09 9.92 -3.69
C GLN B 89 4.69 9.57 -5.07
N GLU B 90 4.47 8.33 -5.52
CA GLU B 90 5.02 7.85 -6.82
C GLU B 90 4.25 8.54 -7.97
N GLN B 91 2.95 8.80 -7.77
CA GLN B 91 2.12 9.50 -8.79
C GLN B 91 2.71 10.90 -9.05
N VAL B 92 3.11 11.62 -7.99
CA VAL B 92 3.69 12.99 -8.08
C VAL B 92 5.02 12.94 -8.85
N LYS B 93 5.91 12.02 -8.50
CA LYS B 93 7.22 11.88 -9.17
C LYS B 93 6.99 11.56 -10.66
N ASP B 94 6.06 10.64 -10.95
CA ASP B 94 5.67 10.31 -12.34
C ASP B 94 5.18 11.59 -13.05
N ALA B 95 4.31 12.38 -12.41
CA ALA B 95 3.72 13.61 -13.01
C ALA B 95 4.84 14.60 -13.34
N LEU B 96 5.79 14.76 -12.43
CA LEU B 96 6.90 15.75 -12.55
C LEU B 96 7.92 15.32 -13.61
N GLU B 97 8.27 14.03 -13.66
CA GLU B 97 9.21 13.49 -14.69
C GLU B 97 8.58 13.73 -16.07
N ILE B 98 7.26 13.54 -16.21
CA ILE B 98 6.54 13.76 -17.50
C ILE B 98 6.66 15.24 -17.86
N LEU B 99 6.41 16.17 -16.92
CA LEU B 99 6.47 17.63 -17.18
C LEU B 99 7.90 18.05 -17.56
N ASP B 100 8.92 17.42 -16.97
CA ASP B 100 10.34 17.68 -17.27
C ASP B 100 10.61 17.32 -18.75
N GLN B 101 10.20 16.11 -19.16
CA GLN B 101 10.38 15.59 -20.55
C GLN B 101 9.70 16.53 -21.56
N LEU B 102 8.61 17.18 -21.18
CA LEU B 102 7.79 18.04 -22.09
C LEU B 102 8.29 19.47 -22.09
N GLY B 103 9.17 19.82 -21.14
CA GLY B 103 9.67 21.20 -21.01
C GLY B 103 8.59 22.13 -20.51
N VAL B 104 7.71 21.62 -19.63
CA VAL B 104 6.65 22.46 -19.01
C VAL B 104 7.19 23.06 -17.70
N GLU B 105 7.06 24.36 -17.52
CA GLU B 105 7.55 25.04 -16.28
C GLU B 105 6.36 25.34 -15.38
N THR B 106 5.63 26.42 -15.64
CA THR B 106 4.47 26.83 -14.81
C THR B 106 3.26 25.98 -15.23
N PHE B 107 2.56 25.41 -14.26
CA PHE B 107 1.38 24.55 -14.53
C PHE B 107 0.27 24.78 -13.49
N LEU B 108 -0.97 24.64 -13.94
CA LEU B 108 -2.18 24.69 -13.07
C LEU B 108 -2.70 23.27 -12.92
N PRO B 109 -2.41 22.58 -11.79
CA PRO B 109 -2.93 21.24 -11.56
C PRO B 109 -4.45 21.31 -11.30
N VAL B 110 -5.18 20.40 -11.93
CA VAL B 110 -6.63 20.17 -11.74
C VAL B 110 -6.83 18.67 -11.48
N SER B 111 -7.44 18.29 -10.36
CA SER B 111 -7.65 16.87 -9.99
C SER B 111 -9.13 16.53 -9.98
N HIS B 112 -9.42 15.24 -10.15
CA HIS B 112 -10.74 14.62 -9.88
C HIS B 112 -10.57 13.72 -8.66
N SER B 113 -11.51 13.82 -7.70
CA SER B 113 -11.61 12.95 -6.51
C SER B 113 -10.22 12.77 -5.91
N HIS B 114 -9.78 11.53 -5.72
CA HIS B 114 -8.57 11.15 -4.94
C HIS B 114 -7.29 11.32 -5.76
N GLY B 115 -7.41 11.79 -7.01
CA GLY B 115 -6.32 12.54 -7.68
C GLY B 115 -5.89 13.72 -6.81
N GLY B 116 -6.71 14.14 -5.85
CA GLY B 116 -6.47 15.32 -4.98
C GLY B 116 -5.20 15.17 -4.16
N TRP B 117 -4.93 13.96 -3.67
CA TRP B 117 -3.73 13.62 -2.87
C TRP B 117 -2.47 13.86 -3.71
N VAL B 118 -2.50 13.52 -5.01
CA VAL B 118 -1.41 13.79 -5.99
C VAL B 118 -1.26 15.30 -6.15
N LEU B 119 -2.38 16.02 -6.34
CA LEU B 119 -2.36 17.48 -6.60
C LEU B 119 -1.68 18.21 -5.44
N VAL B 120 -2.08 17.92 -4.20
CA VAL B 120 -1.64 18.64 -2.97
C VAL B 120 -0.16 18.32 -2.75
N GLU B 121 0.24 17.06 -2.89
CA GLU B 121 1.68 16.67 -2.77
C GLU B 121 2.47 17.31 -3.92
N LEU B 122 1.89 17.38 -5.12
CA LEU B 122 2.49 18.06 -6.29
C LEU B 122 2.74 19.54 -5.94
N LEU B 123 1.78 20.21 -5.32
CA LEU B 123 1.89 21.64 -4.92
C LEU B 123 3.09 21.79 -3.99
N GLU B 124 3.22 20.91 -3.00
CA GLU B 124 4.32 20.90 -2.01
C GLU B 124 5.65 20.70 -2.76
N GLN B 125 5.76 19.64 -3.57
CA GLN B 125 7.03 19.23 -4.22
C GLN B 125 7.44 20.27 -5.29
N ALA B 126 6.48 20.80 -6.06
CA ALA B 126 6.77 21.72 -7.19
C ALA B 126 6.97 23.15 -6.67
N GLY B 127 6.33 23.52 -5.56
CA GLY B 127 6.43 24.86 -4.96
C GLY B 127 5.58 25.89 -5.69
N PRO B 128 5.32 27.08 -5.08
CA PRO B 128 4.37 28.04 -5.62
C PRO B 128 4.84 28.86 -6.84
N GLU B 129 6.07 28.63 -7.31
CA GLU B 129 6.63 29.26 -8.54
C GLU B 129 6.10 28.51 -9.76
N ARG B 130 6.36 27.20 -9.81
CA ARG B 130 5.90 26.25 -10.86
C ARG B 130 4.37 26.10 -10.79
N ALA B 131 3.81 25.92 -9.58
CA ALA B 131 2.39 25.59 -9.31
C ALA B 131 1.78 26.60 -8.34
N PRO B 132 1.46 27.81 -8.82
CA PRO B 132 0.94 28.87 -7.95
C PRO B 132 -0.50 28.70 -7.46
N ARG B 133 -1.27 27.80 -8.09
CA ARG B 133 -2.70 27.54 -7.76
C ARG B 133 -3.08 26.08 -8.03
N GLY B 134 -4.23 25.66 -7.51
CA GLY B 134 -4.79 24.31 -7.76
C GLY B 134 -6.30 24.33 -7.79
N ILE B 135 -6.89 23.48 -8.64
CA ILE B 135 -8.34 23.18 -8.64
C ILE B 135 -8.53 21.69 -8.32
N ILE B 136 -9.30 21.43 -7.29
CA ILE B 136 -9.66 20.05 -6.89
C ILE B 136 -11.13 19.87 -7.20
N MET B 137 -11.48 18.76 -7.85
CA MET B 137 -12.89 18.56 -8.27
C MET B 137 -13.47 17.39 -7.50
N ASP B 138 -14.68 17.56 -6.94
CA ASP B 138 -15.47 16.49 -6.26
C ASP B 138 -14.54 15.57 -5.44
N TRP B 139 -13.92 16.13 -4.39
CA TRP B 139 -13.01 15.36 -3.49
C TRP B 139 -13.59 15.38 -2.08
N LEU B 140 -13.85 14.20 -1.50
CA LEU B 140 -14.48 14.10 -0.15
C LEU B 140 -13.58 14.80 0.86
N MET B 141 -14.01 15.98 1.32
CA MET B 141 -13.19 16.89 2.16
C MET B 141 -13.07 16.35 3.58
N TRP B 142 -14.05 15.56 4.03
CA TRP B 142 -14.08 15.00 5.41
C TRP B 142 -13.49 13.59 5.42
N ALA B 143 -13.17 13.08 6.61
CA ALA B 143 -12.75 11.69 6.85
C ALA B 143 -13.88 10.76 6.40
N PRO B 144 -13.57 9.55 5.88
CA PRO B 144 -14.59 8.66 5.34
C PRO B 144 -15.76 8.40 6.30
N LYS B 145 -17.00 8.65 5.83
CA LYS B 145 -18.25 8.31 6.54
C LYS B 145 -18.52 6.82 6.42
N PRO B 146 -19.32 6.22 7.33
CA PRO B 146 -19.57 4.77 7.32
C PRO B 146 -19.75 4.12 5.95
N ASP B 147 -20.55 4.71 5.06
CA ASP B 147 -20.86 4.15 3.71
C ASP B 147 -19.57 4.03 2.88
N PHE B 148 -18.82 5.13 2.77
CA PHE B 148 -17.57 5.19 1.99
C PHE B 148 -16.49 4.30 2.61
N ALA B 149 -16.32 4.35 3.93
CA ALA B 149 -15.44 3.45 4.70
C ALA B 149 -15.80 1.99 4.36
N LYS B 150 -17.10 1.66 4.26
CA LYS B 150 -17.57 0.30 3.89
C LYS B 150 -17.12 -0.03 2.45
N SER B 151 -17.21 0.94 1.54
CA SER B 151 -16.81 0.80 0.12
C SER B 151 -15.32 0.45 -0.01
N LEU B 152 -14.45 1.12 0.75
CA LEU B 152 -12.98 0.94 0.65
C LEU B 152 -12.64 -0.49 1.11
N THR B 153 -13.21 -0.91 2.24
CA THR B 153 -13.21 -2.30 2.78
C THR B 153 -13.50 -3.29 1.65
N LEU B 154 -14.63 -3.14 0.95
CA LEU B 154 -15.04 -4.05 -0.16
C LEU B 154 -14.01 -4.04 -1.28
N LEU B 155 -13.45 -2.87 -1.62
CA LEU B 155 -12.48 -2.71 -2.75
C LEU B 155 -11.22 -3.56 -2.47
N LYS B 156 -10.82 -3.68 -1.20
CA LYS B 156 -9.59 -4.38 -0.78
C LYS B 156 -9.85 -5.90 -0.68
N ASP B 157 -11.11 -6.32 -0.56
CA ASP B 157 -11.53 -7.74 -0.45
C ASP B 157 -11.48 -8.40 -1.83
N PRO B 158 -10.55 -9.37 -2.08
CA PRO B 158 -10.41 -9.98 -3.39
C PRO B 158 -11.68 -10.76 -3.81
N GLU B 159 -12.54 -11.09 -2.84
CA GLU B 159 -13.84 -11.78 -3.07
C GLU B 159 -14.89 -10.76 -3.55
N ARG B 160 -14.86 -9.53 -3.02
CA ARG B 160 -16.03 -8.61 -3.05
C ARG B 160 -15.67 -7.26 -3.69
N TRP B 161 -14.55 -7.16 -4.41
CA TRP B 161 -14.04 -5.88 -4.94
C TRP B 161 -15.01 -5.29 -5.98
N ARG B 162 -15.61 -6.13 -6.83
CA ARG B 162 -16.51 -5.68 -7.92
C ARG B 162 -17.81 -5.15 -7.31
N GLU B 163 -18.36 -5.87 -6.32
CA GLU B 163 -19.47 -5.42 -5.45
C GLU B 163 -19.13 -4.04 -4.85
N GLY B 164 -17.89 -3.84 -4.41
CA GLY B 164 -17.36 -2.55 -3.93
C GLY B 164 -17.53 -1.43 -4.94
N THR B 165 -17.13 -1.67 -6.20
CA THR B 165 -17.16 -0.68 -7.31
C THR B 165 -18.61 -0.35 -7.70
N HIS B 166 -19.53 -1.31 -7.58
CA HIS B 166 -20.98 -1.18 -7.93
C HIS B 166 -21.67 -0.26 -6.93
N GLY B 167 -21.41 -0.43 -5.62
CA GLY B 167 -21.85 0.49 -4.56
C GLY B 167 -21.38 1.91 -4.83
N LEU B 168 -20.11 2.09 -5.21
CA LEU B 168 -19.53 3.41 -5.55
C LEU B 168 -20.23 3.98 -6.79
N PHE B 169 -20.40 3.21 -7.85
CA PHE B 169 -21.09 3.64 -9.09
C PHE B 169 -22.49 4.19 -8.73
N ASP B 170 -23.24 3.49 -7.88
CA ASP B 170 -24.59 3.92 -7.40
C ASP B 170 -24.53 5.28 -6.67
N VAL B 171 -23.56 5.46 -5.78
CA VAL B 171 -23.34 6.75 -5.03
C VAL B 171 -23.03 7.86 -6.03
N TRP B 172 -22.13 7.59 -6.99
CA TRP B 172 -21.62 8.62 -7.93
C TRP B 172 -22.73 9.09 -8.88
N LEU B 173 -23.62 8.19 -9.30
CA LEU B 173 -24.72 8.50 -10.25
C LEU B 173 -25.89 9.18 -9.52
N ASP B 174 -25.99 8.98 -8.21
CA ASP B 174 -26.98 9.61 -7.30
C ASP B 174 -28.39 9.50 -7.89
N GLY B 175 -28.74 8.35 -8.47
CA GLY B 175 -30.09 8.05 -8.98
C GLY B 175 -30.36 8.70 -10.32
N HIS B 176 -29.33 9.14 -11.05
CA HIS B 176 -29.47 9.82 -12.36
C HIS B 176 -29.19 8.83 -13.50
N ASP B 177 -30.04 8.84 -14.54
CA ASP B 177 -29.80 8.14 -15.82
C ASP B 177 -28.91 9.03 -16.70
N GLU B 178 -27.70 9.30 -16.22
CA GLU B 178 -26.73 10.24 -16.84
C GLU B 178 -25.87 9.45 -17.83
N LYS B 179 -26.22 9.54 -19.12
CA LYS B 179 -25.68 8.75 -20.25
C LYS B 179 -24.15 8.74 -20.28
N ARG B 180 -23.51 9.92 -20.26
CA ARG B 180 -22.04 10.05 -20.44
C ARG B 180 -21.29 9.47 -19.22
N VAL B 181 -21.83 9.63 -18.01
CA VAL B 181 -21.17 9.20 -16.76
C VAL B 181 -21.34 7.68 -16.62
N ARG B 182 -22.51 7.15 -16.98
CA ARG B 182 -22.75 5.68 -17.02
C ARG B 182 -21.75 5.02 -17.99
N HIS B 183 -21.52 5.64 -19.16
CA HIS B 183 -20.57 5.17 -20.18
C HIS B 183 -19.16 5.08 -19.59
N HIS B 184 -18.76 6.12 -18.85
CA HIS B 184 -17.43 6.22 -18.20
C HIS B 184 -17.25 5.08 -17.20
N LEU B 185 -18.24 4.85 -16.33
CA LEU B 185 -18.16 3.85 -15.25
C LEU B 185 -18.26 2.43 -15.80
N LEU B 186 -19.18 2.17 -16.76
CA LEU B 186 -19.56 0.78 -17.17
C LEU B 186 -18.76 0.35 -18.40
N GLU B 187 -18.27 1.29 -19.20
CA GLU B 187 -17.44 0.99 -20.39
C GLU B 187 -15.97 1.39 -20.16
N GLU B 188 -15.68 2.61 -19.70
CA GLU B 188 -14.29 3.15 -19.73
C GLU B 188 -13.49 2.68 -18.50
N MET B 189 -14.15 2.24 -17.42
CA MET B 189 -13.49 1.66 -16.22
C MET B 189 -13.61 0.13 -16.19
N ALA B 190 -14.26 -0.48 -17.20
CA ALA B 190 -14.65 -1.91 -17.18
C ALA B 190 -13.42 -2.83 -17.18
N ASP B 191 -12.28 -2.37 -17.72
CA ASP B 191 -11.05 -3.19 -17.88
C ASP B 191 -10.16 -3.09 -16.64
N TYR B 192 -10.55 -2.36 -15.60
CA TYR B 192 -9.76 -2.26 -14.34
C TYR B 192 -10.19 -3.42 -13.43
N GLY B 193 -9.22 -4.14 -12.87
CA GLY B 193 -9.46 -5.34 -12.03
C GLY B 193 -9.05 -5.11 -10.59
N TYR B 194 -9.04 -6.18 -9.78
CA TYR B 194 -8.72 -6.16 -8.34
C TYR B 194 -7.38 -5.44 -8.06
N ASP B 195 -6.41 -5.58 -8.96
CA ASP B 195 -5.04 -5.01 -8.76
C ASP B 195 -5.14 -3.50 -8.57
N CYS B 196 -5.86 -2.78 -9.45
CA CYS B 196 -6.05 -1.31 -9.34
C CYS B 196 -6.95 -0.99 -8.15
N TRP B 197 -8.16 -1.55 -8.14
CA TRP B 197 -9.22 -1.21 -7.17
C TRP B 197 -8.76 -1.54 -5.75
N GLY B 198 -8.19 -2.73 -5.53
CA GLY B 198 -7.64 -3.12 -4.23
C GLY B 198 -6.58 -2.12 -3.76
N ARG B 199 -5.72 -1.68 -4.69
CA ARG B 199 -4.66 -0.67 -4.43
C ARG B 199 -5.29 0.71 -4.13
N SER B 200 -6.33 1.10 -4.85
CA SER B 200 -7.04 2.40 -4.65
C SER B 200 -7.60 2.45 -3.22
N GLY B 201 -8.22 1.36 -2.77
CA GLY B 201 -8.77 1.22 -1.41
C GLY B 201 -7.69 1.36 -0.34
N ARG B 202 -6.55 0.69 -0.57
N ARG B 202 -6.55 0.69 -0.57
CA ARG B 202 -5.40 0.70 0.37
CA ARG B 202 -5.41 0.72 0.39
C ARG B 202 -4.76 2.10 0.42
C ARG B 202 -4.78 2.11 0.42
N VAL B 203 -4.53 2.71 -0.75
CA VAL B 203 -3.85 4.04 -0.86
C VAL B 203 -4.74 5.14 -0.25
N ILE B 204 -6.05 5.11 -0.54
CA ILE B 204 -6.98 6.17 -0.03
C ILE B 204 -7.13 6.01 1.48
N GLU B 205 -7.38 4.79 1.96
CA GLU B 205 -7.49 4.48 3.41
C GLU B 205 -6.20 4.95 4.13
N ASP B 206 -5.05 4.73 3.51
CA ASP B 206 -3.71 5.13 4.05
C ASP B 206 -3.54 6.65 3.96
N ALA B 207 -4.04 7.30 2.90
CA ALA B 207 -3.94 8.76 2.72
C ALA B 207 -4.68 9.46 3.86
N TYR B 208 -5.93 9.06 4.14
CA TYR B 208 -6.76 9.62 5.25
C TYR B 208 -6.06 9.32 6.60
N GLY B 209 -5.66 8.07 6.85
CA GLY B 209 -4.97 7.66 8.09
C GLY B 209 -3.71 8.47 8.35
N ARG B 210 -2.90 8.70 7.32
CA ARG B 210 -1.58 9.39 7.39
C ARG B 210 -1.77 10.91 7.44
N ASN B 211 -2.64 11.48 6.59
CA ASN B 211 -2.80 12.95 6.45
C ASN B 211 -4.03 13.48 7.21
N GLY B 212 -4.88 12.60 7.72
CA GLY B 212 -6.12 12.99 8.43
C GLY B 212 -7.28 13.22 7.47
N SER B 213 -7.18 14.25 6.63
CA SER B 213 -8.22 14.63 5.63
C SER B 213 -7.57 15.49 4.56
N PRO B 214 -8.19 15.64 3.37
CA PRO B 214 -7.74 16.61 2.38
C PRO B 214 -7.52 18.02 2.94
N MET B 215 -8.45 18.49 3.77
CA MET B 215 -8.41 19.83 4.41
C MET B 215 -7.20 19.92 5.36
N GLN B 216 -6.95 18.91 6.19
CA GLN B 216 -5.78 18.91 7.10
C GLN B 216 -4.49 18.99 6.26
N MET B 217 -4.41 18.20 5.19
CA MET B 217 -3.24 18.13 4.28
C MET B 217 -2.98 19.48 3.60
N MET B 218 -4.02 20.18 3.12
CA MET B 218 -3.87 21.46 2.37
C MET B 218 -3.44 22.57 3.35
N ALA B 219 -4.01 22.57 4.56
CA ALA B 219 -3.68 23.54 5.63
C ALA B 219 -2.21 23.36 6.04
N ASN B 220 -1.68 22.14 5.88
CA ASN B 220 -0.31 21.72 6.31
C ASN B 220 0.75 22.01 5.25
N LEU B 221 0.39 22.57 4.08
CA LEU B 221 1.38 22.92 3.02
C LEU B 221 2.36 23.94 3.59
N THR B 222 3.66 23.77 3.32
CA THR B 222 4.73 24.75 3.71
C THR B 222 4.39 26.11 3.11
N LYS B 223 3.96 26.13 1.85
CA LYS B 223 3.54 27.35 1.10
C LYS B 223 2.08 27.19 0.67
N THR B 224 1.13 27.72 1.47
CA THR B 224 -0.32 27.77 1.10
C THR B 224 -0.47 28.77 -0.05
N ARG B 225 -1.47 28.53 -0.91
CA ARG B 225 -1.73 29.27 -2.17
C ARG B 225 -3.18 29.04 -2.59
N PRO B 226 -3.73 29.85 -3.53
CA PRO B 226 -5.13 29.71 -3.95
C PRO B 226 -5.55 28.29 -4.37
N ILE B 227 -6.48 27.65 -3.64
CA ILE B 227 -7.07 26.34 -4.06
C ILE B 227 -8.60 26.46 -4.07
N ARG B 228 -9.25 26.10 -5.18
CA ARG B 228 -10.73 26.03 -5.24
C ARG B 228 -11.22 24.59 -5.31
N HIS B 229 -12.12 24.23 -4.40
CA HIS B 229 -12.89 22.96 -4.47
C HIS B 229 -14.19 23.20 -5.24
N ILE B 230 -14.31 22.59 -6.42
CA ILE B 230 -15.57 22.60 -7.22
C ILE B 230 -16.15 21.18 -7.23
N PHE B 231 -17.42 21.06 -6.87
CA PHE B 231 -18.09 19.77 -6.59
C PHE B 231 -19.59 19.91 -6.83
N SER B 232 -20.21 18.78 -7.16
CA SER B 232 -21.68 18.60 -7.26
C SER B 232 -22.19 17.71 -6.13
N GLN B 233 -21.36 16.79 -5.63
N GLN B 233 -21.39 16.73 -5.68
CA GLN B 233 -21.69 15.78 -4.58
CA GLN B 233 -21.70 15.78 -4.56
C GLN B 233 -20.65 15.86 -3.47
C GLN B 233 -20.68 15.93 -3.45
N PRO B 234 -20.99 15.51 -2.20
CA PRO B 234 -22.36 15.26 -1.76
C PRO B 234 -23.21 16.54 -1.81
N THR B 235 -24.54 16.40 -1.89
CA THR B 235 -25.53 17.50 -2.08
C THR B 235 -26.06 18.02 -0.73
N GLU B 236 -25.71 17.41 0.40
CA GLU B 236 -26.29 17.76 1.73
C GLU B 236 -25.70 19.08 2.23
N PRO B 237 -26.54 19.98 2.79
CA PRO B 237 -26.05 21.25 3.34
C PRO B 237 -24.94 21.15 4.40
N GLU B 238 -24.84 20.03 5.10
CA GLU B 238 -23.79 19.79 6.13
C GLU B 238 -22.41 19.68 5.44
N TYR B 239 -22.36 19.17 4.21
CA TYR B 239 -21.09 19.07 3.44
C TYR B 239 -20.67 20.46 2.93
N GLU B 240 -21.62 21.23 2.42
CA GLU B 240 -21.35 22.63 2.00
C GLU B 240 -20.85 23.43 3.21
N LYS B 241 -21.31 23.12 4.43
CA LYS B 241 -20.91 23.85 5.67
C LYS B 241 -19.43 23.59 6.00
N ILE B 242 -18.88 22.38 5.80
CA ILE B 242 -17.44 22.14 6.10
C ILE B 242 -16.61 22.95 5.09
N ASN B 243 -17.10 23.13 3.87
CA ASN B 243 -16.40 23.89 2.81
C ASN B 243 -16.42 25.38 3.18
N SER B 244 -17.59 25.94 3.50
CA SER B 244 -17.79 27.35 3.93
C SER B 244 -16.97 27.64 5.19
N ASP B 245 -16.96 26.73 6.17
CA ASP B 245 -16.23 26.91 7.46
C ASP B 245 -14.72 26.91 7.21
N PHE B 246 -14.23 26.10 6.25
CA PHE B 246 -12.79 26.01 5.91
C PHE B 246 -12.39 27.24 5.10
N ALA B 247 -13.31 27.71 4.26
CA ALA B 247 -13.15 28.91 3.41
C ALA B 247 -13.06 30.16 4.30
N GLU B 248 -13.87 30.23 5.35
CA GLU B 248 -13.89 31.35 6.32
C GLU B 248 -12.55 31.40 7.07
N GLN B 249 -11.96 30.23 7.35
CA GLN B 249 -10.75 30.08 8.17
C GLN B 249 -9.48 30.28 7.34
N HIS B 250 -9.55 30.04 6.02
CA HIS B 250 -8.38 30.05 5.11
C HIS B 250 -8.61 31.00 3.94
N PRO B 251 -7.93 32.17 3.91
CA PRO B 251 -8.10 33.14 2.83
C PRO B 251 -7.83 32.53 1.44
N TRP B 252 -6.96 31.52 1.38
CA TRP B 252 -6.49 30.92 0.10
C TRP B 252 -7.52 29.90 -0.42
N PHE B 253 -8.48 29.45 0.39
CA PHE B 253 -9.46 28.39 0.00
C PHE B 253 -10.78 29.02 -0.44
N SER B 254 -11.32 28.53 -1.56
CA SER B 254 -12.68 28.85 -2.06
C SER B 254 -13.33 27.57 -2.59
N TYR B 255 -14.64 27.62 -2.81
CA TYR B 255 -15.43 26.48 -3.32
C TYR B 255 -16.50 27.06 -4.24
N ALA B 256 -16.93 26.26 -5.20
CA ALA B 256 -18.18 26.48 -5.96
C ALA B 256 -18.94 25.16 -6.04
N LYS B 257 -20.22 25.19 -5.63
CA LYS B 257 -21.18 24.08 -5.85
C LYS B 257 -21.70 24.18 -7.29
N LEU B 258 -21.37 23.19 -8.14
CA LEU B 258 -21.63 23.23 -9.60
C LEU B 258 -23.06 22.80 -9.90
N GLY B 259 -23.70 22.07 -9.00
CA GLY B 259 -25.09 21.61 -9.14
C GLY B 259 -25.28 20.66 -10.31
N GLY B 260 -24.23 19.93 -10.71
CA GLY B 260 -24.36 18.83 -11.69
C GLY B 260 -25.04 17.63 -11.02
N PRO B 261 -25.59 16.68 -11.80
CA PRO B 261 -26.22 15.48 -11.24
C PRO B 261 -25.30 14.42 -10.60
N THR B 262 -24.06 14.27 -11.04
CA THR B 262 -23.17 13.15 -10.62
C THR B 262 -21.90 13.69 -9.96
N ALA B 263 -21.12 12.78 -9.39
CA ALA B 263 -19.80 13.03 -8.79
C ALA B 263 -18.74 13.24 -9.87
N PHE B 264 -19.10 13.34 -11.17
CA PHE B 264 -18.15 13.53 -12.29
C PHE B 264 -18.46 14.82 -13.05
N PRO B 265 -18.17 16.00 -12.45
CA PRO B 265 -18.50 17.27 -13.11
C PRO B 265 -17.72 17.49 -14.41
N ALA B 266 -16.48 16.97 -14.50
CA ALA B 266 -15.64 17.03 -15.71
C ALA B 266 -16.40 16.44 -16.92
N ILE B 267 -17.28 15.46 -16.68
CA ILE B 267 -18.11 14.79 -17.74
C ILE B 267 -19.45 15.52 -17.90
N ASP B 268 -20.19 15.75 -16.82
CA ASP B 268 -21.61 16.16 -16.95
C ASP B 268 -21.78 17.69 -16.88
N VAL B 269 -20.80 18.47 -16.39
CA VAL B 269 -20.87 19.96 -16.46
C VAL B 269 -19.52 20.52 -16.91
N PRO B 270 -18.95 20.00 -18.02
CA PRO B 270 -17.59 20.34 -18.43
C PRO B 270 -17.41 21.86 -18.64
N ASP B 271 -18.45 22.53 -19.13
CA ASP B 271 -18.44 23.98 -19.44
C ASP B 271 -18.26 24.76 -18.13
N ARG B 272 -18.88 24.30 -17.05
CA ARG B 272 -18.81 24.95 -15.72
C ARG B 272 -17.44 24.68 -15.08
N ALA B 273 -16.96 23.44 -15.14
CA ALA B 273 -15.61 23.06 -14.68
C ALA B 273 -14.59 23.99 -15.35
N ALA B 274 -14.74 24.20 -16.65
CA ALA B 274 -13.80 24.93 -17.54
C ALA B 274 -13.71 26.42 -17.17
N VAL B 275 -14.80 27.06 -16.74
N VAL B 275 -14.81 27.04 -16.76
CA VAL B 275 -14.81 28.53 -16.45
CA VAL B 275 -14.84 28.50 -16.45
C VAL B 275 -14.05 28.79 -15.14
C VAL B 275 -14.03 28.76 -15.17
N HIS B 276 -14.10 27.86 -14.19
CA HIS B 276 -13.30 27.92 -12.94
C HIS B 276 -11.81 27.74 -13.27
N ILE B 277 -11.48 26.82 -14.16
CA ILE B 277 -10.07 26.60 -14.58
C ILE B 277 -9.55 27.85 -15.31
N ARG B 278 -10.33 28.43 -16.22
CA ARG B 278 -9.96 29.63 -17.01
C ARG B 278 -9.74 30.83 -16.06
N GLU B 279 -10.62 30.99 -15.06
CA GLU B 279 -10.49 32.07 -14.04
C GLU B 279 -9.11 31.96 -13.36
N PHE B 280 -8.75 30.77 -12.90
CA PHE B 280 -7.48 30.50 -12.17
C PHE B 280 -6.30 30.65 -13.13
N ALA B 281 -6.42 30.17 -14.37
CA ALA B 281 -5.40 30.33 -15.42
C ALA B 281 -5.15 31.81 -15.74
N THR B 282 -6.21 32.63 -15.77
CA THR B 282 -6.14 34.09 -16.08
C THR B 282 -5.50 34.86 -14.92
N ALA B 283 -5.80 34.47 -13.69
CA ALA B 283 -5.23 35.07 -12.44
C ALA B 283 -3.72 34.87 -12.41
N ILE B 284 -3.25 33.67 -12.82
N ILE B 284 -3.21 33.70 -12.85
CA ILE B 284 -1.81 33.30 -12.94
CA ILE B 284 -1.75 33.43 -12.87
C ILE B 284 -1.17 34.19 -14.03
C ILE B 284 -1.11 34.14 -14.07
N ARG B 285 -1.84 34.32 -15.18
CA ARG B 285 -1.34 35.09 -16.36
C ARG B 285 -1.18 36.58 -16.01
N GLN B 286 -1.97 37.08 -15.06
CA GLN B 286 -1.91 38.46 -14.53
C GLN B 286 -1.31 38.42 -13.11
N GLY B 287 -0.10 37.85 -12.97
CA GLY B 287 0.58 37.70 -11.66
C GLY B 287 2.09 37.58 -11.81
N GLN B 288 2.81 38.07 -10.79
CA GLN B 288 4.25 37.81 -10.55
C GLN B 288 4.48 37.71 -9.04
N VFH C . 0.86 -19.02 11.97
C VFH C . 2.75 -18.58 13.44
O VFH C . 3.02 -21.27 9.40
C2 VFH C . 2.92 -20.04 11.38
C4 VFH C . 0.90 -20.34 9.95
C5 VFH C . 0.20 -19.52 10.85
C6 VFH C . -1.17 -19.27 10.66
C3 VFH C . 2.35 -20.62 10.19
C1 VFH C . 2.19 -19.26 12.23
C9 VFH C . 0.21 -20.93 8.91
C8 VFH C . -1.15 -20.73 8.76
C7 VFH C . -1.83 -19.88 9.62
K K D . 22.58 -18.82 -5.39
O1 TAR E . 11.91 -34.30 21.51
O11 TAR E . 12.19 -35.73 19.86
C1 TAR E . 12.57 -35.14 20.89
C2 TAR E . 13.91 -35.63 21.46
O2 TAR E . 14.55 -34.72 22.33
C3 TAR E . 13.60 -36.94 22.20
O3 TAR E . 12.48 -36.73 23.05
C4 TAR E . 14.84 -37.43 22.95
O4 TAR E . 15.39 -36.64 23.75
O41 TAR E . 15.21 -38.60 22.72
C1 GOL F . 24.65 -21.98 -5.47
O1 GOL F . 25.38 -23.08 -6.00
C2 GOL F . 24.31 -22.19 -4.00
O2 GOL F . 23.38 -21.19 -3.58
C3 GOL F . 23.77 -23.59 -3.71
O3 GOL F . 22.81 -23.63 -2.66
C1 GOL G . 3.21 -27.99 26.85
C1 GOL G . 3.21 -27.90 26.79
O1 GOL G . 2.05 -28.58 27.44
O1 GOL G . 1.98 -28.12 27.48
C2 GOL G . 4.46 -28.30 27.65
C2 GOL G . 4.40 -28.40 27.60
O2 GOL G . 5.46 -28.82 26.80
O2 GOL G . 5.54 -28.56 26.77
C3 GOL G . 4.98 -27.10 28.40
C3 GOL G . 4.72 -27.46 28.76
O3 GOL G . 5.63 -26.18 27.53
O3 GOL G . 5.38 -28.17 29.81
C1 GOL H . -17.27 32.84 -15.01
O1 GOL H . -16.22 33.36 -15.84
C2 GOL H . -18.57 32.69 -15.75
O2 GOL H . -19.51 31.99 -14.95
C3 GOL H . -19.12 34.04 -16.19
O3 GOL H . -20.51 33.98 -16.50
N VFH I . -11.78 6.22 -8.17
C VFH I . -12.10 7.62 -10.16
O VFH I . -13.99 8.64 -5.79
C2 VFH I . -13.06 8.18 -7.90
C4 VFH I . -12.68 6.65 -5.98
C5 VFH I . -11.93 5.84 -6.84
C6 VFH I . -11.43 4.63 -6.38
C3 VFH I . -13.29 7.90 -6.50
C1 VFH I . -12.33 7.37 -8.70
C9 VFH I . -12.89 6.24 -4.66
C8 VFH I . -12.39 5.02 -4.23
C7 VFH I . -11.67 4.22 -5.08
K K J . -11.69 32.06 1.51
#